data_1IFX
#
_entry.id   1IFX
#
_cell.length_a   53.060
_cell.length_b   86.090
_cell.length_c   61.080
_cell.angle_alpha   90.00
_cell.angle_beta   111.18
_cell.angle_gamma   90.00
#
_symmetry.space_group_name_H-M   'P 1 21 1'
#
loop_
_entity.id
_entity.type
_entity.pdbx_description
1 polymer 'NH(3)-DEPENDENT NAD(+) SYNTHETASE'
2 non-polymer 'NICOTINIC ACID ADENINE DINUCLEOTIDE'
3 water water
#
_entity_poly.entity_id   1
_entity_poly.type   'polypeptide(L)'
_entity_poly.pdbx_seq_one_letter_code
;SMQEKIMRELHVKPSIDPKQEIEDRVNFLKQYVKKTGAKGFVLGISGGQDSTLAGRLAQLAVESIREEGGDAQFIAVRLP
HGTQQDEDDAQLALKFIKPDKSWKFDIKSTVSAFSDQYQQETGDQLTDFNKGNVKARTRMIAQYAIGGQEGLLVLGTDHA
AEAVTGFFTKYGDGGADLLPLTGLTKRQGRTLLKELGAPERLYLKEPTADLLDEKPQQSDETELGISYDEIDDYLEGKEV
SAKVSEALEKRYSMTEHKRQVPASMFDDWWK
;
_entity_poly.pdbx_strand_id   A,B
#
loop_
_chem_comp.id
_chem_comp.type
_chem_comp.name
_chem_comp.formula
DND non-polymer 'NICOTINIC ACID ADENINE DINUCLEOTIDE' 'C21 H27 N6 O15 P2 1'
#
# COMPACT_ATOMS: atom_id res chain seq x y z
N SER A 1 -28.69 -9.58 2.95
CA SER A 1 -27.96 -10.22 4.09
C SER A 1 -26.50 -9.75 4.03
N MET A 2 -25.92 -9.47 5.20
CA MET A 2 -24.54 -9.02 5.26
C MET A 2 -23.63 -10.22 5.05
N GLN A 3 -24.09 -11.40 5.45
CA GLN A 3 -23.30 -12.62 5.27
C GLN A 3 -23.12 -12.75 3.77
N GLU A 4 -24.23 -12.68 3.05
CA GLU A 4 -24.25 -12.76 1.59
C GLU A 4 -23.45 -11.64 0.94
N LYS A 5 -23.62 -10.42 1.41
CA LYS A 5 -22.92 -9.26 0.88
C LYS A 5 -21.39 -9.30 0.97
N ILE A 6 -20.87 -9.67 2.13
CA ILE A 6 -19.44 -9.79 2.38
C ILE A 6 -18.86 -10.93 1.55
N MET A 7 -19.58 -12.02 1.51
CA MET A 7 -19.22 -13.22 0.76
C MET A 7 -19.00 -12.84 -0.71
N ARG A 8 -19.87 -12.00 -1.25
CA ARG A 8 -19.74 -11.55 -2.64
C ARG A 8 -18.63 -10.54 -2.89
N GLU A 9 -18.44 -9.61 -1.96
CA GLU A 9 -17.40 -8.59 -2.14
C GLU A 9 -16.06 -9.24 -1.98
N LEU A 10 -16.01 -10.37 -1.28
CA LEU A 10 -14.75 -11.07 -1.07
C LEU A 10 -14.54 -12.24 -2.05
N HIS A 11 -15.50 -12.45 -2.94
CA HIS A 11 -15.42 -13.47 -3.99
C HIS A 11 -15.34 -14.93 -3.59
N VAL A 12 -15.97 -15.27 -2.47
CA VAL A 12 -15.94 -16.64 -2.00
C VAL A 12 -17.04 -17.48 -2.66
N LYS A 13 -16.75 -18.75 -2.92
CA LYS A 13 -17.72 -19.66 -3.52
C LYS A 13 -18.19 -20.62 -2.42
N PRO A 14 -19.50 -20.92 -2.32
CA PRO A 14 -19.82 -21.85 -1.25
C PRO A 14 -19.23 -23.24 -1.57
N SER A 15 -19.11 -23.56 -2.86
CA SER A 15 -18.56 -24.85 -3.25
C SER A 15 -17.54 -24.72 -4.38
N ILE A 16 -16.42 -25.44 -4.23
CA ILE A 16 -15.34 -25.41 -5.21
C ILE A 16 -14.92 -26.77 -5.76
N ASP A 17 -14.30 -26.72 -6.93
CA ASP A 17 -13.73 -27.86 -7.58
C ASP A 17 -12.22 -27.60 -7.45
N PRO A 18 -11.50 -28.32 -6.55
CA PRO A 18 -10.06 -28.19 -6.30
C PRO A 18 -9.15 -28.11 -7.54
N LYS A 19 -9.22 -29.11 -8.43
CA LYS A 19 -8.41 -29.11 -9.66
C LYS A 19 -8.68 -27.91 -10.58
N GLN A 20 -9.94 -27.51 -10.69
CA GLN A 20 -10.29 -26.38 -11.51
C GLN A 20 -9.77 -25.09 -10.87
N GLU A 21 -9.82 -25.04 -9.53
CA GLU A 21 -9.31 -23.88 -8.77
C GLU A 21 -7.82 -23.68 -9.05
N ILE A 22 -7.07 -24.78 -9.05
CA ILE A 22 -5.64 -24.74 -9.30
C ILE A 22 -5.35 -24.18 -10.68
N GLU A 23 -6.00 -24.76 -11.68
CA GLU A 23 -5.84 -24.34 -13.06
C GLU A 23 -6.22 -22.89 -13.28
N ASP A 24 -7.24 -22.42 -12.57
CA ASP A 24 -7.68 -21.03 -12.71
C ASP A 24 -6.64 -20.08 -12.15
N ARG A 25 -6.04 -20.45 -11.03
CA ARG A 25 -5.06 -19.59 -10.35
C ARG A 25 -3.70 -19.54 -11.04
N VAL A 26 -3.29 -20.67 -11.61
CA VAL A 26 -2.07 -20.80 -12.40
C VAL A 26 -2.30 -19.97 -13.67
N ASN A 27 -3.49 -20.07 -14.27
CA ASN A 27 -3.85 -19.30 -15.47
C ASN A 27 -3.92 -17.79 -15.22
N PHE A 28 -4.40 -17.36 -14.05
CA PHE A 28 -4.42 -15.93 -13.73
C PHE A 28 -2.96 -15.37 -13.74
N LEU A 29 -2.08 -16.05 -13.00
CA LEU A 29 -0.66 -15.70 -12.90
C LEU A 29 -0.01 -15.64 -14.28
N LYS A 30 -0.24 -16.66 -15.09
CA LYS A 30 0.29 -16.67 -16.46
C LYS A 30 -0.24 -15.49 -17.31
N GLN A 31 -1.54 -15.24 -17.19
CA GLN A 31 -2.20 -14.18 -17.95
C GLN A 31 -1.76 -12.75 -17.56
N TYR A 32 -1.58 -12.50 -16.27
CA TYR A 32 -1.16 -11.18 -15.81
C TYR A 32 0.22 -10.86 -16.32
N VAL A 33 1.09 -11.85 -16.20
CA VAL A 33 2.46 -11.76 -16.63
C VAL A 33 2.58 -11.41 -18.10
N LYS A 34 1.83 -12.11 -18.94
CA LYS A 34 1.84 -11.87 -20.37
C LYS A 34 1.37 -10.47 -20.79
N LYS A 35 0.32 -9.97 -20.15
CA LYS A 35 -0.21 -8.64 -20.43
C LYS A 35 0.79 -7.54 -20.05
N THR A 36 1.44 -7.70 -18.90
CA THR A 36 2.38 -6.71 -18.44
C THR A 36 3.81 -6.90 -18.95
N GLY A 37 4.14 -8.11 -19.42
CA GLY A 37 5.48 -8.37 -19.88
C GLY A 37 6.47 -8.45 -18.71
N ALA A 38 6.02 -9.03 -17.60
CA ALA A 38 6.87 -9.19 -16.43
C ALA A 38 7.75 -10.39 -16.69
N LYS A 39 8.83 -10.50 -15.94
CA LYS A 39 9.77 -11.62 -16.06
C LYS A 39 9.45 -12.77 -15.12
N GLY A 40 8.66 -12.52 -14.08
CA GLY A 40 8.35 -13.59 -13.15
C GLY A 40 7.84 -13.09 -11.84
N PHE A 41 8.07 -13.82 -10.74
CA PHE A 41 7.57 -13.45 -9.42
C PHE A 41 8.59 -13.65 -8.28
N VAL A 42 8.31 -13.04 -7.14
CA VAL A 42 9.14 -13.24 -5.94
C VAL A 42 8.13 -13.35 -4.78
N LEU A 43 8.39 -14.23 -3.82
CA LEU A 43 7.52 -14.38 -2.64
C LEU A 43 8.29 -14.89 -1.42
N GLY A 44 8.03 -14.29 -0.25
CA GLY A 44 8.67 -14.73 0.97
C GLY A 44 8.03 -16.04 1.41
N ILE A 45 8.83 -17.05 1.77
CA ILE A 45 8.32 -18.36 2.20
C ILE A 45 8.59 -18.43 3.69
N SER A 46 7.58 -18.84 4.48
CA SER A 46 7.70 -18.91 5.95
C SER A 46 7.49 -20.28 6.61
N GLY A 47 6.97 -21.26 5.88
CA GLY A 47 6.71 -22.54 6.50
C GLY A 47 5.21 -22.79 6.70
N GLY A 48 4.41 -21.72 6.67
CA GLY A 48 2.97 -21.86 6.82
C GLY A 48 2.18 -22.23 5.54
N GLN A 49 0.91 -22.57 5.71
CA GLN A 49 0.01 -22.96 4.61
C GLN A 49 -0.07 -22.01 3.39
N ASP A 50 -0.40 -20.75 3.65
CA ASP A 50 -0.58 -19.73 2.61
C ASP A 50 0.60 -19.47 1.65
N SER A 51 1.79 -19.24 2.21
CA SER A 51 2.96 -18.99 1.40
C SER A 51 3.33 -20.27 0.66
N THR A 52 3.01 -21.40 1.28
CA THR A 52 3.30 -22.68 0.66
C THR A 52 2.41 -22.92 -0.56
N LEU A 53 1.13 -22.49 -0.49
CA LEU A 53 0.22 -22.67 -1.62
C LEU A 53 0.54 -21.68 -2.74
N ALA A 54 0.65 -20.41 -2.38
CA ALA A 54 0.98 -19.33 -3.32
C ALA A 54 2.29 -19.62 -4.08
N GLY A 55 3.28 -20.14 -3.33
CA GLY A 55 4.58 -20.50 -3.86
C GLY A 55 4.54 -21.71 -4.77
N ARG A 56 3.77 -22.75 -4.45
CA ARG A 56 3.71 -23.89 -5.33
C ARG A 56 2.98 -23.53 -6.62
N LEU A 57 2.02 -22.63 -6.51
CA LEU A 57 1.25 -22.17 -7.68
C LEU A 57 2.12 -21.30 -8.58
N ALA A 58 2.96 -20.42 -7.99
CA ALA A 58 3.86 -19.57 -8.79
C ALA A 58 4.82 -20.46 -9.60
N GLN A 59 5.37 -21.49 -8.97
CA GLN A 59 6.31 -22.39 -9.61
C GLN A 59 5.72 -23.14 -10.80
N LEU A 60 4.48 -23.59 -10.66
CA LEU A 60 3.78 -24.29 -11.75
C LEU A 60 3.49 -23.34 -12.92
N ALA A 61 3.17 -22.08 -12.60
CA ALA A 61 2.85 -21.05 -13.60
C ALA A 61 4.07 -20.74 -14.43
N VAL A 62 5.18 -20.57 -13.73
CA VAL A 62 6.47 -20.27 -14.31
C VAL A 62 6.99 -21.47 -15.16
N GLU A 63 6.82 -22.71 -14.69
CA GLU A 63 7.25 -23.90 -15.45
C GLU A 63 6.40 -24.09 -16.70
N SER A 64 5.13 -23.67 -16.60
CA SER A 64 4.19 -23.79 -17.71
C SER A 64 4.43 -22.75 -18.77
N ILE A 65 4.84 -21.55 -18.36
CA ILE A 65 5.14 -20.47 -19.29
C ILE A 65 6.30 -20.86 -20.20
N ARG A 66 7.37 -21.37 -19.61
CA ARG A 66 8.57 -21.80 -20.33
C ARG A 66 8.35 -22.95 -21.31
N GLU A 67 7.52 -23.91 -20.93
CA GLU A 67 7.21 -25.02 -21.80
C GLU A 67 6.44 -24.58 -23.03
N GLU A 68 5.92 -23.36 -23.03
CA GLU A 68 5.21 -22.82 -24.19
C GLU A 68 6.19 -21.97 -24.97
N GLY A 69 7.45 -21.91 -24.53
CA GLY A 69 8.47 -21.12 -25.19
C GLY A 69 8.58 -19.73 -24.59
N GLY A 70 8.21 -19.60 -23.33
CA GLY A 70 8.28 -18.30 -22.70
C GLY A 70 9.47 -18.16 -21.78
N ASP A 71 9.61 -16.94 -21.25
CA ASP A 71 10.68 -16.55 -20.34
C ASP A 71 10.03 -16.20 -18.99
N ALA A 72 10.36 -16.94 -17.93
CA ALA A 72 9.80 -16.68 -16.61
C ALA A 72 10.59 -17.40 -15.53
N GLN A 73 10.59 -16.84 -14.32
CA GLN A 73 11.26 -17.45 -13.18
C GLN A 73 10.61 -17.02 -11.87
N PHE A 74 10.80 -17.82 -10.83
CA PHE A 74 10.24 -17.55 -9.52
C PHE A 74 11.35 -17.65 -8.46
N ILE A 75 11.46 -16.61 -7.64
CA ILE A 75 12.44 -16.58 -6.56
C ILE A 75 11.66 -16.67 -5.24
N ALA A 76 11.96 -17.70 -4.45
CA ALA A 76 11.35 -17.91 -3.13
C ALA A 76 12.39 -17.41 -2.14
N VAL A 77 11.97 -16.50 -1.25
CA VAL A 77 12.87 -15.91 -0.27
C VAL A 77 12.52 -16.22 1.20
N ARG A 78 13.49 -16.71 1.95
CA ARG A 78 13.32 -16.94 3.41
C ARG A 78 13.61 -15.57 4.06
N LEU A 79 12.72 -15.12 4.93
CA LEU A 79 12.83 -13.80 5.58
C LEU A 79 12.89 -13.85 7.11
N PRO A 80 13.88 -14.58 7.66
CA PRO A 80 13.97 -14.66 9.12
C PRO A 80 14.30 -13.36 9.89
N HIS A 81 13.92 -13.33 11.17
CA HIS A 81 14.24 -12.20 12.06
C HIS A 81 15.13 -12.85 13.10
N GLY A 82 16.35 -13.13 12.66
CA GLY A 82 17.33 -13.80 13.49
C GLY A 82 17.38 -15.19 12.90
N ASP A 88 12.76 -25.16 10.14
CA ASP A 88 12.55 -26.61 9.81
C ASP A 88 11.43 -26.73 8.79
N ASP A 89 10.32 -26.03 9.05
CA ASP A 89 9.15 -26.02 8.15
C ASP A 89 9.35 -25.22 6.88
N ALA A 90 10.09 -24.12 6.94
CA ALA A 90 10.38 -23.31 5.77
C ALA A 90 11.20 -24.19 4.83
N GLN A 91 12.10 -24.99 5.40
CA GLN A 91 12.94 -25.90 4.63
C GLN A 91 12.09 -27.03 3.99
N LEU A 92 11.17 -27.57 4.77
CA LEU A 92 10.25 -28.62 4.29
C LEU A 92 9.42 -28.04 3.10
N ALA A 93 8.97 -26.79 3.28
CA ALA A 93 8.19 -26.06 2.29
C ALA A 93 8.97 -25.88 0.99
N LEU A 94 10.19 -25.39 1.11
CA LEU A 94 11.04 -25.21 -0.08
C LEU A 94 11.23 -26.57 -0.77
N LYS A 95 11.31 -27.61 0.04
CA LYS A 95 11.47 -28.95 -0.49
C LYS A 95 10.25 -29.36 -1.32
N PHE A 96 9.07 -28.90 -0.93
CA PHE A 96 7.81 -29.19 -1.64
C PHE A 96 7.57 -28.24 -2.82
N ILE A 97 7.84 -26.96 -2.65
CA ILE A 97 7.61 -26.04 -3.73
C ILE A 97 8.57 -26.24 -4.91
N LYS A 98 9.82 -26.53 -4.57
CA LYS A 98 10.89 -26.70 -5.55
C LYS A 98 10.99 -25.49 -6.47
N PRO A 99 11.18 -24.27 -5.93
CA PRO A 99 11.29 -23.04 -6.74
C PRO A 99 12.56 -22.96 -7.57
N ASP A 100 12.53 -22.19 -8.67
CA ASP A 100 13.69 -22.03 -9.55
C ASP A 100 14.88 -21.59 -8.72
N LYS A 101 14.70 -20.50 -7.96
CA LYS A 101 15.75 -19.94 -7.09
C LYS A 101 15.24 -19.84 -5.67
N SER A 102 16.16 -20.01 -4.74
CA SER A 102 15.85 -19.98 -3.33
C SER A 102 16.84 -19.04 -2.62
N TRP A 103 16.35 -17.88 -2.19
CA TRP A 103 17.20 -16.88 -1.51
C TRP A 103 16.89 -16.72 -0.02
N LYS A 104 17.55 -15.75 0.61
CA LYS A 104 17.37 -15.44 2.03
C LYS A 104 17.81 -14.02 2.36
N PHE A 105 17.09 -13.37 3.27
CA PHE A 105 17.39 -12.01 3.76
C PHE A 105 16.96 -11.95 5.22
N ASP A 106 17.91 -11.79 6.14
CA ASP A 106 17.61 -11.68 7.55
C ASP A 106 17.26 -10.21 7.84
N ILE A 107 16.05 -9.94 8.38
CA ILE A 107 15.62 -8.57 8.65
C ILE A 107 15.95 -7.97 10.03
N LYS A 108 16.62 -8.75 10.87
CA LYS A 108 16.94 -8.30 12.23
C LYS A 108 17.75 -6.98 12.34
N SER A 109 18.82 -6.83 11.56
CA SER A 109 19.62 -5.61 11.63
C SER A 109 18.90 -4.35 11.17
N THR A 110 18.03 -4.48 10.18
CA THR A 110 17.27 -3.34 9.67
C THR A 110 16.26 -2.87 10.73
N VAL A 111 15.60 -3.83 11.38
CA VAL A 111 14.62 -3.57 12.43
C VAL A 111 15.23 -2.97 13.69
N SER A 112 16.37 -3.51 14.09
CA SER A 112 17.06 -2.99 15.27
C SER A 112 17.57 -1.57 14.99
N ALA A 113 17.89 -1.29 13.73
CA ALA A 113 18.36 0.04 13.36
C ALA A 113 17.16 1.00 13.50
N PHE A 114 15.98 0.56 13.05
CA PHE A 114 14.79 1.40 13.15
C PHE A 114 14.37 1.67 14.58
N SER A 115 14.29 0.61 15.39
CA SER A 115 13.88 0.76 16.78
C SER A 115 14.85 1.61 17.57
N ASP A 116 16.14 1.44 17.29
CA ASP A 116 17.16 2.21 18.00
C ASP A 116 17.07 3.70 17.72
N GLN A 117 16.87 4.05 16.45
CA GLN A 117 16.74 5.45 16.09
C GLN A 117 15.41 5.97 16.64
N TYR A 118 14.41 5.09 16.79
CA TYR A 118 13.11 5.55 17.29
C TYR A 118 13.25 6.10 18.71
N GLN A 119 13.81 5.27 19.57
CA GLN A 119 14.03 5.64 20.95
C GLN A 119 14.95 6.84 20.95
N GLN A 120 16.06 6.76 20.21
CA GLN A 120 17.00 7.89 20.15
C GLN A 120 16.32 9.23 19.74
N GLU A 121 15.36 9.18 18.83
CA GLU A 121 14.66 10.38 18.38
C GLU A 121 13.51 10.83 19.27
N THR A 122 12.61 9.91 19.63
CA THR A 122 11.44 10.29 20.42
C THR A 122 11.56 10.18 21.93
N GLY A 123 12.58 9.50 22.41
CA GLY A 123 12.70 9.33 23.84
C GLY A 123 12.01 8.03 24.25
N ASP A 124 10.94 7.65 23.56
CA ASP A 124 10.27 6.42 23.91
C ASP A 124 10.58 5.27 22.98
N GLN A 125 10.37 4.08 23.51
CA GLN A 125 10.61 2.83 22.83
C GLN A 125 9.33 2.31 22.17
N LEU A 126 9.49 1.74 20.98
CA LEU A 126 8.38 1.16 20.22
C LEU A 126 7.77 0.01 20.99
N THR A 127 6.45 -0.07 21.03
CA THR A 127 5.84 -1.18 21.74
C THR A 127 6.07 -2.45 20.90
N ASP A 128 6.11 -3.59 21.58
CA ASP A 128 6.32 -4.87 20.94
C ASP A 128 5.40 -5.00 19.73
N PHE A 129 4.13 -4.63 19.92
CA PHE A 129 3.12 -4.68 18.88
C PHE A 129 3.47 -3.81 17.67
N ASN A 130 4.00 -2.63 17.95
CA ASN A 130 4.36 -1.68 16.91
C ASN A 130 5.66 -2.06 16.25
N LYS A 131 6.52 -2.76 16.99
CA LYS A 131 7.78 -3.24 16.44
C LYS A 131 7.39 -4.34 15.45
N GLY A 132 6.42 -5.17 15.85
CA GLY A 132 5.95 -6.23 14.98
C GLY A 132 5.38 -5.76 13.63
N ASN A 133 4.79 -4.57 13.57
CA ASN A 133 4.26 -4.03 12.31
C ASN A 133 5.42 -3.46 11.46
N VAL A 134 6.51 -3.07 12.12
CA VAL A 134 7.70 -2.59 11.41
C VAL A 134 8.36 -3.77 10.72
N LYS A 135 8.40 -4.93 11.39
CA LYS A 135 8.96 -6.15 10.83
C LYS A 135 8.21 -6.61 9.60
N ALA A 136 6.89 -6.55 9.66
CA ALA A 136 6.09 -6.93 8.50
C ALA A 136 6.35 -5.93 7.37
N ARG A 137 6.37 -4.63 7.66
CA ARG A 137 6.66 -3.63 6.62
C ARG A 137 8.10 -3.77 6.04
N THR A 138 9.02 -4.24 6.88
CA THR A 138 10.43 -4.45 6.49
C THR A 138 10.57 -5.64 5.55
N ARG A 139 9.72 -6.64 5.71
CA ARG A 139 9.73 -7.78 4.82
C ARG A 139 9.16 -7.37 3.44
N MET A 140 8.33 -6.33 3.38
CA MET A 140 7.78 -5.88 2.10
C MET A 140 8.87 -5.10 1.33
N ILE A 141 9.68 -4.35 2.08
CA ILE A 141 10.76 -3.57 1.47
C ILE A 141 11.77 -4.57 0.91
N ALA A 142 12.01 -5.65 1.64
CA ALA A 142 12.94 -6.70 1.26
C ALA A 142 12.53 -7.35 -0.06
N GLN A 143 11.26 -7.74 -0.13
CA GLN A 143 10.73 -8.35 -1.33
C GLN A 143 10.68 -7.42 -2.51
N TYR A 144 10.36 -6.15 -2.27
CA TYR A 144 10.30 -5.12 -3.32
C TYR A 144 11.66 -4.69 -3.85
N ALA A 145 12.69 -4.81 -3.00
CA ALA A 145 14.07 -4.51 -3.42
C ALA A 145 14.50 -5.60 -4.40
N ILE A 146 14.20 -6.85 -4.04
CA ILE A 146 14.54 -8.00 -4.88
C ILE A 146 13.81 -7.99 -6.21
N GLY A 147 12.51 -7.68 -6.21
CA GLY A 147 11.73 -7.61 -7.44
C GLY A 147 12.18 -6.41 -8.28
N GLY A 148 12.72 -5.40 -7.64
CA GLY A 148 13.18 -4.25 -8.38
C GLY A 148 14.52 -4.57 -9.03
N GLN A 149 15.41 -5.21 -8.27
CA GLN A 149 16.74 -5.58 -8.76
C GLN A 149 16.67 -6.64 -9.85
N GLU A 150 15.73 -7.58 -9.72
CA GLU A 150 15.60 -8.66 -10.69
C GLU A 150 14.48 -8.52 -11.70
N GLY A 151 13.70 -7.45 -11.60
CA GLY A 151 12.60 -7.25 -12.54
C GLY A 151 11.45 -8.24 -12.39
N LEU A 152 11.05 -8.49 -11.15
CA LEU A 152 9.96 -9.43 -10.84
C LEU A 152 8.79 -8.75 -10.11
N LEU A 153 7.60 -9.33 -10.22
CA LEU A 153 6.44 -8.82 -9.55
C LEU A 153 6.35 -9.51 -8.17
N VAL A 154 5.97 -8.75 -7.15
CA VAL A 154 5.84 -9.28 -5.79
C VAL A 154 4.48 -9.97 -5.53
N LEU A 155 4.49 -11.24 -5.18
CA LEU A 155 3.26 -11.95 -4.88
C LEU A 155 2.79 -11.69 -3.44
N GLY A 156 1.46 -11.69 -3.26
CA GLY A 156 0.83 -11.55 -1.94
C GLY A 156 0.06 -12.81 -1.52
N THR A 157 -0.06 -13.07 -0.20
CA THR A 157 -0.76 -14.26 0.29
C THR A 157 -2.19 -14.06 0.83
N ASP A 158 -2.70 -12.85 0.71
CA ASP A 158 -4.03 -12.53 1.20
C ASP A 158 -5.09 -13.41 0.56
N HIS A 159 -6.03 -13.85 1.39
CA HIS A 159 -7.16 -14.67 0.95
C HIS A 159 -8.38 -14.20 1.78
N ALA A 160 -9.56 -14.71 1.44
CA ALA A 160 -10.80 -14.33 2.10
C ALA A 160 -10.83 -14.50 3.61
N ALA A 161 -10.26 -15.58 4.13
CA ALA A 161 -10.22 -15.80 5.59
C ALA A 161 -9.44 -14.77 6.41
N GLU A 162 -8.63 -13.93 5.76
CA GLU A 162 -7.91 -12.89 6.49
C GLU A 162 -8.29 -11.47 6.08
N ALA A 163 -8.97 -11.37 4.93
CA ALA A 163 -9.42 -10.09 4.45
C ALA A 163 -10.62 -9.68 5.28
N VAL A 164 -11.48 -10.64 5.64
CA VAL A 164 -12.67 -10.31 6.43
C VAL A 164 -12.34 -9.70 7.73
N THR A 165 -11.26 -10.19 8.34
CA THR A 165 -10.81 -9.69 9.62
C THR A 165 -9.77 -8.58 9.52
N GLY A 166 -9.28 -8.29 8.31
CA GLY A 166 -8.25 -7.28 8.15
C GLY A 166 -7.05 -7.73 8.98
N PHE A 167 -6.87 -9.04 9.03
CA PHE A 167 -5.78 -9.64 9.82
C PHE A 167 -4.45 -9.59 9.05
N PHE A 168 -4.01 -8.38 8.73
CA PHE A 168 -2.75 -8.21 8.03
C PHE A 168 -2.27 -6.81 8.25
N THR A 169 -0.99 -6.57 8.01
CA THR A 169 -0.41 -5.25 8.15
C THR A 169 -0.63 -4.44 6.87
N LYS A 170 -1.26 -3.29 7.05
CA LYS A 170 -1.54 -2.32 5.99
C LYS A 170 -0.17 -1.79 5.49
N TYR A 171 0.19 -2.13 4.24
CA TYR A 171 1.48 -1.79 3.55
C TYR A 171 2.68 -2.64 4.00
N GLY A 172 2.39 -3.71 4.71
CA GLY A 172 3.37 -4.69 5.17
C GLY A 172 3.10 -5.90 4.30
N ASP A 173 2.56 -6.97 4.86
CA ASP A 173 2.23 -8.12 4.03
C ASP A 173 1.03 -7.84 3.10
N GLY A 174 0.32 -6.75 3.40
CA GLY A 174 -0.79 -6.36 2.57
C GLY A 174 -0.30 -5.61 1.33
N GLY A 175 0.99 -5.27 1.28
CA GLY A 175 1.55 -4.60 0.12
C GLY A 175 2.10 -5.64 -0.85
N ALA A 176 1.38 -5.90 -1.96
CA ALA A 176 1.78 -6.88 -3.00
C ALA A 176 1.38 -6.35 -4.36
N ASP A 177 1.76 -7.05 -5.44
CA ASP A 177 1.39 -6.62 -6.79
C ASP A 177 0.15 -7.39 -7.32
N LEU A 178 0.08 -8.69 -7.05
CA LEU A 178 -1.05 -9.53 -7.47
C LEU A 178 -1.28 -10.58 -6.38
N LEU A 179 -2.51 -11.08 -6.30
CA LEU A 179 -2.90 -12.00 -5.25
C LEU A 179 -3.55 -13.23 -5.82
N PRO A 180 -2.83 -14.38 -5.89
CA PRO A 180 -3.41 -15.62 -6.44
C PRO A 180 -4.36 -16.43 -5.53
N LEU A 181 -4.49 -16.04 -4.26
CA LEU A 181 -5.33 -16.76 -3.29
C LEU A 181 -6.66 -16.07 -2.96
N THR A 182 -6.92 -14.94 -3.62
CA THR A 182 -8.15 -14.17 -3.42
C THR A 182 -9.43 -15.01 -3.46
N GLY A 183 -10.31 -14.81 -2.46
CA GLY A 183 -11.57 -15.54 -2.43
C GLY A 183 -11.59 -16.95 -1.87
N LEU A 184 -10.44 -17.47 -1.46
CA LEU A 184 -10.35 -18.79 -0.89
C LEU A 184 -10.40 -18.66 0.63
N THR A 185 -11.09 -19.60 1.28
CA THR A 185 -11.16 -19.64 2.73
C THR A 185 -9.95 -20.49 3.16
N LYS A 186 -9.75 -20.60 4.48
CA LYS A 186 -8.63 -21.35 5.04
C LYS A 186 -8.67 -22.85 4.72
N ARG A 187 -9.81 -23.51 4.97
CA ARG A 187 -9.93 -24.94 4.68
C ARG A 187 -9.90 -25.20 3.18
N GLN A 188 -10.46 -24.28 2.39
CA GLN A 188 -10.45 -24.42 0.94
C GLN A 188 -8.99 -24.40 0.43
N GLY A 189 -8.14 -23.60 1.06
CA GLY A 189 -6.74 -23.52 0.70
C GLY A 189 -6.06 -24.82 1.05
N ARG A 190 -6.43 -25.40 2.18
CA ARG A 190 -5.89 -26.67 2.64
C ARG A 190 -6.22 -27.78 1.63
N THR A 191 -7.43 -27.73 1.07
CA THR A 191 -7.89 -28.69 0.06
C THR A 191 -7.03 -28.61 -1.22
N LEU A 192 -6.64 -27.40 -1.62
CA LEU A 192 -5.77 -27.20 -2.80
C LEU A 192 -4.37 -27.81 -2.52
N LEU A 193 -3.83 -27.56 -1.34
CA LEU A 193 -2.56 -28.16 -0.96
C LEU A 193 -2.61 -29.68 -0.97
N LYS A 194 -3.73 -30.29 -0.62
CA LYS A 194 -3.86 -31.76 -0.63
C LYS A 194 -3.90 -32.31 -2.07
N GLU A 195 -4.53 -31.59 -2.98
CA GLU A 195 -4.58 -31.99 -4.41
C GLU A 195 -3.15 -32.00 -4.97
N LEU A 196 -2.41 -30.96 -4.58
CA LEU A 196 -1.03 -30.75 -5.02
C LEU A 196 -0.07 -31.72 -4.34
N GLY A 197 -0.59 -32.55 -3.45
CA GLY A 197 0.24 -33.51 -2.75
C GLY A 197 1.20 -32.97 -1.71
N ALA A 198 0.83 -31.90 -1.02
CA ALA A 198 1.71 -31.32 -0.01
C ALA A 198 1.83 -32.12 1.28
N PRO A 199 3.03 -32.15 1.87
CA PRO A 199 3.32 -32.87 3.12
C PRO A 199 2.35 -32.33 4.20
N GLU A 200 1.72 -33.23 4.94
CA GLU A 200 0.74 -32.80 5.93
C GLU A 200 1.20 -31.85 7.03
N ARG A 201 2.46 -31.88 7.42
CA ARG A 201 2.90 -30.94 8.47
C ARG A 201 2.80 -29.46 7.96
N LEU A 202 2.84 -29.29 6.65
CA LEU A 202 2.76 -27.96 6.03
C LEU A 202 1.38 -27.29 6.12
N TYR A 203 0.38 -28.01 6.62
CA TYR A 203 -0.95 -27.43 6.77
C TYR A 203 -1.66 -27.91 8.02
N LEU A 204 -1.02 -28.81 8.76
CA LEU A 204 -1.60 -29.34 9.99
C LEU A 204 -1.30 -28.50 11.24
N ILE A 226 -12.84 -15.94 17.63
CA ILE A 226 -13.51 -16.70 16.55
C ILE A 226 -12.46 -17.67 16.03
N SER A 227 -12.88 -18.88 15.73
CA SER A 227 -11.96 -19.86 15.21
C SER A 227 -11.95 -19.73 13.69
N TYR A 228 -11.08 -20.47 13.04
CA TYR A 228 -11.03 -20.41 11.59
C TYR A 228 -12.21 -21.16 11.04
N ASP A 229 -12.64 -22.23 11.72
CA ASP A 229 -13.78 -22.99 11.24
C ASP A 229 -15.04 -22.18 11.18
N GLU A 230 -15.25 -21.31 12.17
CA GLU A 230 -16.43 -20.46 12.19
C GLU A 230 -16.29 -19.37 11.13
N ILE A 231 -15.10 -18.79 11.03
CA ILE A 231 -14.85 -17.78 10.02
C ILE A 231 -15.10 -18.38 8.63
N ASP A 232 -14.63 -19.59 8.41
CA ASP A 232 -14.82 -20.28 7.12
C ASP A 232 -16.27 -20.65 6.81
N ASP A 233 -17.00 -21.14 7.82
CA ASP A 233 -18.44 -21.47 7.68
C ASP A 233 -19.23 -20.22 7.25
N TYR A 234 -18.95 -19.09 7.87
CA TYR A 234 -19.62 -17.84 7.53
C TYR A 234 -19.36 -17.42 6.09
N LEU A 235 -18.09 -17.44 5.69
CA LEU A 235 -17.63 -17.04 4.35
C LEU A 235 -18.14 -18.00 3.29
N GLU A 236 -18.24 -19.28 3.64
CA GLU A 236 -18.73 -20.28 2.71
C GLU A 236 -20.26 -20.27 2.63
N GLY A 237 -20.90 -19.44 3.44
CA GLY A 237 -22.33 -19.32 3.43
C GLY A 237 -23.05 -20.36 4.23
N LYS A 238 -22.34 -21.04 5.12
CA LYS A 238 -22.97 -22.04 5.98
C LYS A 238 -23.68 -21.26 7.09
N GLU A 239 -24.62 -21.91 7.77
CA GLU A 239 -25.30 -21.20 8.82
C GLU A 239 -24.50 -21.30 10.08
N VAL A 240 -24.40 -20.14 10.74
CA VAL A 240 -23.67 -19.99 11.99
C VAL A 240 -24.46 -19.17 12.98
N SER A 241 -24.00 -19.24 14.22
CA SER A 241 -24.60 -18.58 15.35
C SER A 241 -24.45 -17.06 15.26
N ALA A 242 -25.47 -16.36 15.74
CA ALA A 242 -25.53 -14.92 15.74
C ALA A 242 -24.29 -14.23 16.30
N LYS A 243 -23.66 -14.84 17.32
CA LYS A 243 -22.45 -14.28 17.92
C LYS A 243 -21.30 -14.16 16.91
N VAL A 244 -21.19 -15.13 15.99
CA VAL A 244 -20.15 -15.13 14.95
C VAL A 244 -20.42 -14.02 13.94
N SER A 245 -21.63 -13.99 13.41
CA SER A 245 -21.97 -12.96 12.44
C SER A 245 -21.80 -11.56 13.01
N GLU A 246 -22.18 -11.36 14.27
CA GLU A 246 -22.05 -10.03 14.88
C GLU A 246 -20.60 -9.59 15.00
N ALA A 247 -19.73 -10.48 15.45
CA ALA A 247 -18.33 -10.15 15.61
C ALA A 247 -17.61 -9.89 14.30
N LEU A 248 -17.85 -10.74 13.30
CA LEU A 248 -17.21 -10.59 12.00
C LEU A 248 -17.69 -9.33 11.26
N GLU A 249 -18.98 -9.11 11.24
CA GLU A 249 -19.52 -7.95 10.57
C GLU A 249 -19.04 -6.64 11.17
N LYS A 250 -18.69 -6.65 12.45
CA LYS A 250 -18.21 -5.43 13.10
C LYS A 250 -16.76 -5.18 12.72
N ARG A 251 -15.95 -6.23 12.83
CA ARG A 251 -14.53 -6.17 12.50
C ARG A 251 -14.41 -5.80 11.02
N TYR A 252 -15.26 -6.38 10.19
CA TYR A 252 -15.26 -6.08 8.76
C TYR A 252 -15.49 -4.60 8.49
N SER A 253 -16.47 -4.00 9.16
CA SER A 253 -16.75 -2.59 8.99
C SER A 253 -15.61 -1.67 9.39
N MET A 254 -14.99 -1.97 10.54
CA MET A 254 -13.88 -1.17 11.05
C MET A 254 -12.55 -1.34 10.28
N THR A 255 -12.44 -2.34 9.42
CA THR A 255 -11.22 -2.51 8.67
C THR A 255 -11.35 -2.28 7.14
N GLU A 256 -12.45 -1.66 6.72
CA GLU A 256 -12.70 -1.40 5.30
C GLU A 256 -11.58 -0.60 4.64
N HIS A 257 -10.93 0.24 5.45
CA HIS A 257 -9.84 1.07 4.94
C HIS A 257 -8.67 0.25 4.41
N LYS A 258 -8.51 -0.98 4.90
CA LYS A 258 -7.43 -1.86 4.50
C LYS A 258 -7.72 -2.54 3.18
N ARG A 259 -8.98 -2.52 2.76
CA ARG A 259 -9.32 -3.17 1.51
C ARG A 259 -9.67 -2.15 0.43
N GLN A 260 -9.44 -0.88 0.71
CA GLN A 260 -9.73 0.19 -0.23
C GLN A 260 -8.46 1.01 -0.44
N VAL A 261 -8.47 1.83 -1.49
CA VAL A 261 -7.37 2.76 -1.85
C VAL A 261 -7.49 3.92 -0.82
N PRO A 262 -6.40 4.66 -0.53
CA PRO A 262 -6.47 5.77 0.44
C PRO A 262 -7.71 6.62 0.28
N ALA A 263 -8.30 7.03 1.39
CA ALA A 263 -9.53 7.82 1.33
C ALA A 263 -9.43 9.28 0.89
N SER A 264 -10.43 9.71 0.11
CA SER A 264 -10.57 11.08 -0.38
C SER A 264 -12.03 11.55 -0.25
N MET A 265 -12.24 12.86 -0.35
CA MET A 265 -13.55 13.46 -0.23
C MET A 265 -14.55 13.05 -1.29
N PHE A 266 -14.08 12.37 -2.32
CA PHE A 266 -14.96 11.93 -3.40
C PHE A 266 -15.41 10.48 -3.21
N ASP A 267 -14.96 9.87 -2.12
CA ASP A 267 -15.30 8.50 -1.74
C ASP A 267 -16.48 8.50 -0.77
N ASP A 268 -17.43 7.58 -0.97
CA ASP A 268 -18.61 7.48 -0.10
C ASP A 268 -18.52 6.31 0.88
N TRP A 269 -17.67 5.32 0.60
CA TRP A 269 -17.54 4.12 1.43
C TRP A 269 -17.26 4.37 2.87
N TRP A 270 -16.62 5.50 3.16
CA TRP A 270 -16.24 5.81 4.54
C TRP A 270 -17.25 6.61 5.38
N LYS A 271 -18.15 7.33 4.69
CA LYS A 271 -19.14 8.19 5.35
C LYS A 271 -20.22 7.49 6.24
N SER B 1 -13.82 10.52 -25.57
CA SER B 1 -12.69 11.42 -25.23
C SER B 1 -11.99 10.78 -24.04
N MET B 2 -10.71 10.47 -24.18
CA MET B 2 -9.95 9.86 -23.09
C MET B 2 -9.61 10.92 -22.06
N GLN B 3 -9.40 12.15 -22.52
CA GLN B 3 -9.10 13.30 -21.68
C GLN B 3 -10.27 13.58 -20.72
N GLU B 4 -11.49 13.48 -21.23
CA GLU B 4 -12.69 13.70 -20.42
C GLU B 4 -12.89 12.66 -19.33
N LYS B 5 -12.58 11.42 -19.67
CA LYS B 5 -12.70 10.28 -18.77
C LYS B 5 -11.62 10.35 -17.69
N ILE B 6 -10.41 10.66 -18.08
CA ILE B 6 -9.33 10.76 -17.12
C ILE B 6 -9.64 11.91 -16.17
N MET B 7 -10.01 13.04 -16.76
CA MET B 7 -10.39 14.24 -16.02
C MET B 7 -11.48 13.87 -15.00
N ARG B 8 -12.44 13.09 -15.44
CA ARG B 8 -13.54 12.63 -14.61
C ARG B 8 -13.05 11.73 -13.46
N GLU B 9 -12.31 10.68 -13.82
CA GLU B 9 -11.76 9.72 -12.86
C GLU B 9 -10.86 10.32 -11.79
N LEU B 10 -10.05 11.31 -12.14
CA LEU B 10 -9.17 11.94 -11.16
C LEU B 10 -9.80 13.14 -10.42
N HIS B 11 -11.04 13.47 -10.77
CA HIS B 11 -11.77 14.53 -10.09
C HIS B 11 -11.21 15.94 -10.26
N VAL B 12 -10.85 16.28 -11.49
CA VAL B 12 -10.31 17.60 -11.75
C VAL B 12 -11.41 18.54 -12.23
N LYS B 13 -11.38 19.78 -11.75
CA LYS B 13 -12.34 20.81 -12.18
C LYS B 13 -11.56 21.70 -13.14
N PRO B 14 -12.26 22.31 -14.12
CA PRO B 14 -11.65 23.20 -15.11
C PRO B 14 -11.30 24.55 -14.48
N SER B 15 -12.07 24.92 -13.47
CA SER B 15 -11.94 26.17 -12.75
C SER B 15 -12.29 25.90 -11.29
N ILE B 16 -11.64 26.61 -10.38
CA ILE B 16 -11.85 26.47 -8.94
C ILE B 16 -11.99 27.84 -8.24
N ASP B 17 -12.57 27.83 -7.05
CA ASP B 17 -12.65 29.02 -6.22
C ASP B 17 -11.73 28.51 -5.11
N PRO B 18 -10.47 29.02 -5.03
CA PRO B 18 -9.48 28.61 -4.02
C PRO B 18 -9.93 28.69 -2.54
N LYS B 19 -10.69 29.73 -2.20
CA LYS B 19 -11.21 29.94 -0.85
C LYS B 19 -12.17 28.79 -0.49
N GLN B 20 -13.04 28.42 -1.45
CA GLN B 20 -14.00 27.35 -1.25
C GLN B 20 -13.32 25.97 -1.30
N GLU B 21 -12.17 25.86 -1.99
CA GLU B 21 -11.42 24.59 -2.02
C GLU B 21 -10.77 24.39 -0.63
N ILE B 22 -10.21 25.45 -0.07
CA ILE B 22 -9.63 25.39 1.26
C ILE B 22 -10.72 24.91 2.25
N GLU B 23 -11.89 25.55 2.21
CA GLU B 23 -13.01 25.16 3.08
C GLU B 23 -13.46 23.70 2.93
N ASP B 24 -13.69 23.29 1.68
CA ASP B 24 -14.13 21.92 1.33
C ASP B 24 -13.17 20.84 1.83
N ARG B 25 -11.88 21.14 1.73
CA ARG B 25 -10.81 20.20 2.10
C ARG B 25 -10.55 20.13 3.60
N VAL B 26 -10.61 21.28 4.27
CA VAL B 26 -10.44 21.31 5.73
C VAL B 26 -11.63 20.49 6.27
N ASN B 27 -12.83 20.76 5.78
CA ASN B 27 -14.05 20.04 6.20
C ASN B 27 -13.95 18.53 6.00
N PHE B 28 -13.31 18.07 4.92
CA PHE B 28 -13.10 16.63 4.64
C PHE B 28 -12.25 16.00 5.74
N LEU B 29 -11.17 16.68 6.13
CA LEU B 29 -10.29 16.18 7.18
C LEU B 29 -10.99 16.10 8.55
N LYS B 30 -11.68 17.17 8.91
CA LYS B 30 -12.43 17.22 10.17
C LYS B 30 -13.37 16.03 10.21
N GLN B 31 -14.22 15.97 9.19
CA GLN B 31 -15.23 14.95 8.96
C GLN B 31 -14.71 13.55 9.01
N TYR B 32 -13.59 13.29 8.37
CA TYR B 32 -13.08 11.93 8.39
C TYR B 32 -12.59 11.56 9.79
N VAL B 33 -11.92 12.50 10.44
CA VAL B 33 -11.38 12.22 11.76
C VAL B 33 -12.44 12.06 12.85
N LYS B 34 -13.55 12.77 12.74
CA LYS B 34 -14.62 12.62 13.72
C LYS B 34 -15.32 11.28 13.49
N LYS B 35 -15.41 10.86 12.22
CA LYS B 35 -16.04 9.60 11.86
C LYS B 35 -15.32 8.40 12.41
N THR B 36 -14.00 8.42 12.31
CA THR B 36 -13.19 7.31 12.76
C THR B 36 -12.79 7.34 14.24
N GLY B 37 -12.88 8.49 14.88
CA GLY B 37 -12.49 8.60 16.28
C GLY B 37 -10.97 8.73 16.51
N ALA B 38 -10.20 9.00 15.45
CA ALA B 38 -8.75 9.13 15.61
C ALA B 38 -8.40 10.45 16.33
N LYS B 39 -7.19 10.51 16.88
CA LYS B 39 -6.69 11.67 17.62
C LYS B 39 -6.15 12.86 16.81
N GLY B 40 -5.98 12.66 15.51
CA GLY B 40 -5.44 13.73 14.66
C GLY B 40 -4.69 13.16 13.46
N PHE B 41 -3.64 13.86 13.01
CA PHE B 41 -2.83 13.42 11.85
C PHE B 41 -1.32 13.55 12.03
N VAL B 42 -0.56 12.89 11.15
CA VAL B 42 0.91 12.94 11.10
C VAL B 42 1.29 13.06 9.62
N LEU B 43 2.20 13.98 9.30
CA LEU B 43 2.63 14.13 7.92
C LEU B 43 4.10 14.50 7.81
N GLY B 44 4.77 13.88 6.84
CA GLY B 44 6.18 14.18 6.56
C GLY B 44 6.24 15.50 5.82
N ILE B 45 7.00 16.47 6.35
CA ILE B 45 7.16 17.82 5.77
C ILE B 45 8.55 17.90 5.15
N SER B 46 8.60 18.09 3.83
CA SER B 46 9.85 18.17 3.08
C SER B 46 10.35 19.55 2.60
N GLY B 47 9.49 20.56 2.59
CA GLY B 47 9.91 21.84 2.10
C GLY B 47 9.22 22.13 0.78
N GLY B 48 8.78 21.04 0.10
CA GLY B 48 8.08 21.14 -1.17
C GLY B 48 6.62 21.57 -1.07
N GLN B 49 6.15 22.21 -2.14
CA GLN B 49 4.79 22.73 -2.26
C GLN B 49 3.63 21.88 -1.72
N ASP B 50 3.61 20.60 -2.11
CA ASP B 50 2.55 19.67 -1.75
C ASP B 50 2.39 19.44 -0.25
N SER B 51 3.47 19.01 0.41
CA SER B 51 3.43 18.76 1.85
C SER B 51 3.21 20.06 2.62
N THR B 52 3.57 21.21 2.02
CA THR B 52 3.34 22.52 2.64
C THR B 52 1.84 22.83 2.64
N LEU B 53 1.19 22.60 1.50
CA LEU B 53 -0.25 22.81 1.35
C LEU B 53 -1.01 21.86 2.25
N ALA B 54 -0.65 20.58 2.15
CA ALA B 54 -1.30 19.53 2.94
C ALA B 54 -1.12 19.73 4.45
N GLY B 55 0.07 20.19 4.91
CA GLY B 55 0.32 20.45 6.33
C GLY B 55 -0.48 21.67 6.85
N ARG B 56 -0.52 22.75 6.10
CA ARG B 56 -1.31 23.88 6.54
C ARG B 56 -2.83 23.49 6.62
N LEU B 57 -3.34 22.70 5.67
CA LEU B 57 -4.73 22.32 5.73
C LEU B 57 -5.04 21.47 6.97
N ALA B 58 -4.08 20.63 7.37
CA ALA B 58 -4.25 19.77 8.55
C ALA B 58 -4.19 20.53 9.84
N GLN B 59 -3.39 21.59 9.91
CA GLN B 59 -3.32 22.41 11.12
C GLN B 59 -4.66 23.17 11.25
N LEU B 60 -5.18 23.65 10.12
CA LEU B 60 -6.45 24.37 10.13
C LEU B 60 -7.60 23.44 10.53
N ALA B 61 -7.56 22.18 10.09
CA ALA B 61 -8.62 21.20 10.39
C ALA B 61 -8.66 20.83 11.86
N VAL B 62 -7.48 20.67 12.44
CA VAL B 62 -7.29 20.30 13.84
C VAL B 62 -7.71 21.41 14.84
N GLU B 63 -7.44 22.66 14.43
CA GLU B 63 -7.79 23.87 15.18
C GLU B 63 -9.30 24.11 15.23
N SER B 64 -9.98 23.82 14.12
CA SER B 64 -11.43 23.99 14.03
C SER B 64 -12.15 22.99 14.95
N ILE B 65 -11.65 21.77 15.03
CA ILE B 65 -12.23 20.74 15.88
C ILE B 65 -12.07 21.10 17.34
N ARG B 66 -10.92 21.65 17.72
CA ARG B 66 -10.68 22.04 19.09
C ARG B 66 -11.60 23.21 19.37
N GLU B 67 -11.92 24.00 18.36
CA GLU B 67 -12.82 25.15 18.55
C GLU B 67 -14.26 24.71 18.82
N GLU B 68 -14.62 23.52 18.34
CA GLU B 68 -15.94 22.91 18.53
C GLU B 68 -15.97 22.08 19.82
N GLY B 69 -14.86 22.08 20.55
CA GLY B 69 -14.80 21.35 21.80
C GLY B 69 -14.20 19.97 21.74
N GLY B 70 -13.55 19.63 20.63
CA GLY B 70 -12.96 18.30 20.54
C GLY B 70 -11.45 18.24 20.77
N ASP B 71 -10.96 17.01 20.70
CA ASP B 71 -9.54 16.72 20.87
C ASP B 71 -8.91 16.22 19.57
N ALA B 72 -7.99 17.02 19.04
CA ALA B 72 -7.28 16.67 17.82
C ALA B 72 -5.91 17.34 17.87
N GLN B 73 -4.90 16.69 17.32
CA GLN B 73 -3.55 17.25 17.27
C GLN B 73 -2.89 16.90 15.92
N PHE B 74 -1.97 17.75 15.47
CA PHE B 74 -1.25 17.52 14.22
C PHE B 74 0.28 17.43 14.44
N ILE B 75 0.90 16.32 14.01
CA ILE B 75 2.34 16.12 14.13
C ILE B 75 3.02 16.20 12.73
N ALA B 76 3.88 17.20 12.54
CA ALA B 76 4.62 17.38 11.30
C ALA B 76 6.02 16.82 11.57
N VAL B 77 6.49 15.87 10.77
CA VAL B 77 7.83 15.30 10.96
C VAL B 77 8.74 15.60 9.79
N ARG B 78 10.00 15.86 10.08
CA ARG B 78 10.98 16.07 9.03
C ARG B 78 11.65 14.68 8.95
N LEU B 79 11.84 14.19 7.72
CA LEU B 79 12.42 12.86 7.52
C LEU B 79 13.71 12.83 6.67
N PRO B 80 14.78 13.43 7.18
CA PRO B 80 16.04 13.44 6.43
C PRO B 80 16.81 12.11 6.40
N HIS B 81 17.67 11.97 5.39
CA HIS B 81 18.53 10.80 5.31
C HIS B 81 19.92 11.42 5.56
N GLY B 82 20.23 11.71 6.81
CA GLY B 82 21.51 12.35 7.12
C GLY B 82 21.39 13.84 6.86
N ASP B 88 16.37 24.15 4.70
CA ASP B 88 15.96 25.58 4.84
C ASP B 88 14.48 25.82 4.48
N ASP B 89 14.04 25.25 3.35
CA ASP B 89 12.65 25.39 2.93
C ASP B 89 11.66 24.63 3.84
N ALA B 90 12.11 23.51 4.40
CA ALA B 90 11.33 22.71 5.33
C ALA B 90 11.08 23.52 6.61
N GLN B 91 12.08 24.30 7.00
CA GLN B 91 12.01 25.16 8.18
C GLN B 91 11.11 26.34 7.88
N LEU B 92 11.21 26.84 6.65
CA LEU B 92 10.39 27.96 6.21
C LEU B 92 8.95 27.47 6.19
N ALA B 93 8.77 26.22 5.79
CA ALA B 93 7.44 25.59 5.71
C ALA B 93 6.85 25.43 7.12
N LEU B 94 7.68 25.07 8.09
CA LEU B 94 7.23 24.92 9.46
C LEU B 94 6.83 26.25 10.11
N LYS B 95 7.55 27.35 9.81
CA LYS B 95 7.20 28.69 10.35
C LYS B 95 5.86 29.12 9.81
N PHE B 96 5.56 28.71 8.57
CA PHE B 96 4.29 29.06 7.95
C PHE B 96 3.11 28.18 8.44
N ILE B 97 3.29 26.87 8.41
CA ILE B 97 2.28 25.92 8.82
C ILE B 97 1.94 26.08 10.30
N LYS B 98 2.97 26.15 11.12
CA LYS B 98 2.81 26.29 12.55
C LYS B 98 2.07 25.08 13.19
N PRO B 99 2.62 23.85 13.02
CA PRO B 99 2.02 22.61 13.56
C PRO B 99 1.99 22.58 15.10
N ASP B 100 1.10 21.78 15.69
CA ASP B 100 1.04 21.69 17.14
C ASP B 100 2.36 21.13 17.65
N LYS B 101 2.88 20.11 16.95
CA LYS B 101 4.16 19.46 17.28
C LYS B 101 5.06 19.32 16.03
N SER B 102 6.37 19.40 16.22
CA SER B 102 7.35 19.22 15.13
C SER B 102 8.32 18.13 15.52
N TRP B 103 8.37 17.05 14.76
CA TRP B 103 9.28 15.94 15.04
C TRP B 103 10.34 15.77 13.95
N LYS B 104 11.20 14.79 14.13
CA LYS B 104 12.23 14.52 13.15
C LYS B 104 12.66 13.08 13.34
N PHE B 105 12.79 12.37 12.24
CA PHE B 105 13.27 10.99 12.29
C PHE B 105 14.23 10.86 11.11
N ASP B 106 15.49 10.61 11.44
CA ASP B 106 16.53 10.48 10.42
C ASP B 106 16.57 9.04 9.97
N ILE B 107 16.29 8.85 8.68
CA ILE B 107 16.26 7.52 8.08
C ILE B 107 17.62 6.96 7.57
N LYS B 108 18.73 7.65 7.80
CA LYS B 108 20.00 7.11 7.32
C LYS B 108 20.44 5.74 7.87
N SER B 109 20.29 5.47 9.16
CA SER B 109 20.74 4.18 9.69
C SER B 109 19.89 2.97 9.33
N THR B 110 18.60 3.16 9.11
CA THR B 110 17.73 2.04 8.73
C THR B 110 18.10 1.69 7.29
N VAL B 111 18.23 2.70 6.43
CA VAL B 111 18.57 2.49 5.01
C VAL B 111 19.95 1.83 4.81
N SER B 112 20.94 2.25 5.60
CA SER B 112 22.28 1.65 5.55
C SER B 112 22.24 0.20 5.97
N ALA B 113 21.65 -0.07 7.13
CA ALA B 113 21.54 -1.43 7.62
C ALA B 113 20.96 -2.34 6.55
N PHE B 114 19.92 -1.87 5.87
CA PHE B 114 19.28 -2.66 4.81
C PHE B 114 20.22 -2.88 3.64
N SER B 115 20.96 -1.85 3.23
CA SER B 115 21.91 -1.95 2.10
C SER B 115 23.02 -2.97 2.32
N ASP B 116 23.59 -2.93 3.51
CA ASP B 116 24.66 -3.81 3.88
C ASP B 116 24.14 -5.26 3.87
N GLN B 117 22.95 -5.47 4.44
CA GLN B 117 22.35 -6.81 4.48
C GLN B 117 22.11 -7.37 3.08
N TYR B 118 21.62 -6.52 2.18
CA TYR B 118 21.35 -6.88 0.80
C TYR B 118 22.61 -7.36 0.10
N GLN B 119 23.71 -6.62 0.24
CA GLN B 119 24.97 -7.03 -0.38
C GLN B 119 25.49 -8.31 0.26
N GLN B 120 25.52 -8.33 1.59
CA GLN B 120 25.97 -9.48 2.36
C GLN B 120 25.27 -10.80 1.99
N GLU B 121 23.95 -10.76 1.91
CA GLU B 121 23.11 -11.92 1.61
C GLU B 121 23.05 -12.35 0.16
N THR B 122 23.08 -11.33 -0.68
CA THR B 122 22.93 -11.46 -2.11
C THR B 122 24.21 -11.48 -2.98
N GLY B 123 25.14 -10.58 -2.68
CA GLY B 123 26.36 -10.48 -3.45
C GLY B 123 26.25 -9.32 -4.43
N ASP B 124 25.26 -8.46 -4.23
CA ASP B 124 25.04 -7.29 -5.11
C ASP B 124 24.78 -6.02 -4.34
N GLN B 125 25.04 -4.88 -4.97
CA GLN B 125 24.78 -3.58 -4.36
C GLN B 125 23.41 -3.14 -4.81
N LEU B 126 22.68 -2.45 -3.93
CA LEU B 126 21.39 -1.91 -4.30
C LEU B 126 21.73 -0.75 -5.22
N THR B 127 21.16 -0.74 -6.41
CA THR B 127 21.38 0.31 -7.38
C THR B 127 20.74 1.60 -6.86
N ASP B 128 21.23 2.76 -7.31
CA ASP B 128 20.71 4.07 -6.87
C ASP B 128 19.20 4.12 -6.92
N PHE B 129 18.66 3.71 -8.06
CA PHE B 129 17.24 3.70 -8.25
C PHE B 129 16.51 2.79 -7.26
N ASN B 130 17.08 1.64 -6.95
CA ASN B 130 16.45 0.74 -6.01
C ASN B 130 16.62 1.19 -4.55
N LYS B 131 17.71 1.86 -4.25
CA LYS B 131 17.92 2.38 -2.91
C LYS B 131 17.04 3.64 -2.76
N GLY B 132 16.74 4.27 -3.89
CA GLY B 132 15.88 5.44 -3.90
C GLY B 132 14.49 5.08 -3.39
N ASN B 133 13.98 3.92 -3.81
CA ASN B 133 12.66 3.44 -3.37
C ASN B 133 12.69 2.93 -1.93
N VAL B 134 13.83 2.38 -1.50
CA VAL B 134 13.99 1.92 -0.14
C VAL B 134 13.85 3.10 0.84
N LYS B 135 14.27 4.29 0.44
CA LYS B 135 14.17 5.47 1.28
C LYS B 135 12.73 5.94 1.42
N ALA B 136 12.01 5.93 0.30
CA ALA B 136 10.61 6.32 0.27
C ALA B 136 9.78 5.38 1.13
N ARG B 137 10.12 4.10 1.11
CA ARG B 137 9.40 3.11 1.90
C ARG B 137 9.80 3.13 3.38
N THR B 138 11.02 3.56 3.68
CA THR B 138 11.46 3.66 5.08
C THR B 138 10.73 4.87 5.70
N ARG B 139 10.53 5.91 4.92
CA ARG B 139 9.82 7.06 5.44
C ARG B 139 8.33 6.70 5.72
N MET B 140 7.78 5.78 4.95
CA MET B 140 6.41 5.34 5.16
C MET B 140 6.35 4.69 6.56
N ILE B 141 7.24 3.73 6.79
CA ILE B 141 7.33 3.00 8.05
C ILE B 141 7.44 3.94 9.25
N ALA B 142 8.19 5.02 9.09
CA ALA B 142 8.42 6.01 10.16
C ALA B 142 7.13 6.76 10.47
N GLN B 143 6.41 7.16 9.44
CA GLN B 143 5.13 7.84 9.60
C GLN B 143 4.09 6.89 10.22
N TYR B 144 4.09 5.62 9.84
CA TYR B 144 3.16 4.66 10.40
C TYR B 144 3.53 4.26 11.84
N ALA B 145 4.81 4.37 12.20
CA ALA B 145 5.28 4.01 13.54
C ALA B 145 4.90 5.15 14.45
N ILE B 146 5.02 6.38 13.98
CA ILE B 146 4.59 7.51 14.80
C ILE B 146 3.06 7.52 15.00
N GLY B 147 2.32 7.32 13.92
CA GLY B 147 0.87 7.29 13.99
C GLY B 147 0.40 6.17 14.88
N GLY B 148 1.11 5.05 14.78
CA GLY B 148 0.78 3.88 15.57
C GLY B 148 0.98 4.13 17.04
N GLN B 149 2.08 4.79 17.37
CA GLN B 149 2.41 5.10 18.75
C GLN B 149 1.51 6.19 19.31
N GLU B 150 1.11 7.13 18.46
CA GLU B 150 0.30 8.26 18.89
C GLU B 150 -1.23 8.26 18.65
N GLY B 151 -1.74 7.30 17.88
CA GLY B 151 -3.17 7.21 17.60
C GLY B 151 -3.62 8.18 16.52
N LEU B 152 -2.74 8.42 15.54
CA LEU B 152 -2.99 9.39 14.46
C LEU B 152 -3.10 8.73 13.09
N LEU B 153 -3.60 9.51 12.12
CA LEU B 153 -3.79 9.10 10.73
C LEU B 153 -2.66 9.70 9.87
N VAL B 154 -2.24 8.98 8.85
CA VAL B 154 -1.14 9.42 8.00
C VAL B 154 -1.73 10.10 6.80
N LEU B 155 -1.35 11.34 6.57
CA LEU B 155 -1.81 12.10 5.40
C LEU B 155 -0.92 11.77 4.20
N GLY B 156 -1.52 11.85 3.01
CA GLY B 156 -0.81 11.61 1.75
C GLY B 156 -0.86 12.95 1.01
N THR B 157 0.17 13.25 0.21
CA THR B 157 0.21 14.51 -0.52
C THR B 157 -0.10 14.32 -2.00
N ASP B 158 -0.66 13.18 -2.34
CA ASP B 158 -1.03 12.88 -3.73
C ASP B 158 -2.13 13.78 -4.24
N HIS B 159 -2.00 14.17 -5.50
CA HIS B 159 -2.93 15.00 -6.21
C HIS B 159 -2.97 14.53 -7.68
N ALA B 160 -3.84 15.15 -8.47
CA ALA B 160 -4.07 14.79 -9.89
C ALA B 160 -2.91 14.68 -10.88
N ALA B 161 -2.07 15.71 -10.87
CA ALA B 161 -0.93 15.77 -11.78
C ALA B 161 0.08 14.73 -11.41
N GLU B 162 0.04 14.33 -10.13
CA GLU B 162 0.95 13.31 -9.62
C GLU B 162 0.30 11.93 -9.82
N ALA B 163 -1.04 11.91 -9.88
CA ALA B 163 -1.78 10.66 -10.11
C ALA B 163 -1.76 10.16 -11.57
N VAL B 164 -1.92 11.05 -12.57
CA VAL B 164 -1.92 10.65 -14.00
C VAL B 164 -0.64 9.98 -14.46
N THR B 165 0.49 10.44 -13.94
CA THR B 165 1.81 9.93 -14.31
C THR B 165 2.37 8.81 -13.41
N GLY B 166 1.66 8.46 -12.32
CA GLY B 166 2.16 7.41 -11.44
C GLY B 166 3.51 7.76 -10.82
N PHE B 167 3.69 9.06 -10.61
CA PHE B 167 4.92 9.58 -10.08
C PHE B 167 5.08 9.52 -8.55
N PHE B 168 5.20 8.32 -8.03
CA PHE B 168 5.40 8.14 -6.60
C PHE B 168 5.77 6.69 -6.37
N THR B 169 6.39 6.41 -5.23
CA THR B 169 6.79 5.04 -4.89
C THR B 169 5.60 4.29 -4.34
N LYS B 170 5.31 3.15 -4.93
CA LYS B 170 4.21 2.29 -4.52
C LYS B 170 4.52 1.82 -3.09
N TYR B 171 3.67 2.19 -2.13
CA TYR B 171 3.85 1.83 -0.71
C TYR B 171 4.95 2.65 -0.04
N GLY B 172 5.38 3.71 -0.68
CA GLY B 172 6.37 4.60 -0.10
C GLY B 172 5.53 5.83 0.20
N ASP B 173 5.72 6.92 -0.56
CA ASP B 173 4.86 8.10 -0.34
C ASP B 173 3.42 7.84 -0.80
N GLY B 174 3.22 6.70 -1.45
CA GLY B 174 1.90 6.30 -1.89
C GLY B 174 1.09 5.67 -0.73
N GLY B 175 1.80 5.18 0.29
CA GLY B 175 1.13 4.56 1.42
C GLY B 175 0.66 5.59 2.43
N ALA B 176 -0.63 5.93 2.36
CA ALA B 176 -1.24 6.86 3.30
C ALA B 176 -2.71 6.43 3.69
N ASP B 177 -3.30 7.09 4.70
CA ASP B 177 -4.67 6.77 5.14
C ASP B 177 -5.71 7.61 4.43
N LEU B 178 -5.42 8.88 4.20
CA LEU B 178 -6.32 9.83 3.50
C LEU B 178 -5.52 10.86 2.69
N LEU B 179 -6.18 11.46 1.70
CA LEU B 179 -5.51 12.39 0.78
C LEU B 179 -6.27 13.67 0.51
N PRO B 180 -5.95 14.78 1.20
CA PRO B 180 -6.64 16.07 1.01
C PRO B 180 -6.46 16.87 -0.28
N LEU B 181 -5.54 16.46 -1.16
CA LEU B 181 -5.25 17.21 -2.38
C LEU B 181 -5.74 16.58 -3.66
N THR B 182 -6.53 15.52 -3.53
CA THR B 182 -7.13 14.77 -4.65
C THR B 182 -7.92 15.66 -5.60
N GLY B 183 -7.83 15.46 -6.92
CA GLY B 183 -8.56 16.30 -7.84
C GLY B 183 -7.92 17.63 -8.25
N LEU B 184 -6.90 18.06 -7.49
CA LEU B 184 -6.17 19.32 -7.78
C LEU B 184 -4.98 19.13 -8.74
N THR B 185 -4.68 20.15 -9.56
CA THR B 185 -3.52 20.10 -10.46
C THR B 185 -2.38 20.85 -9.75
N LYS B 186 -1.17 20.79 -10.28
CA LYS B 186 -0.06 21.49 -9.62
C LYS B 186 -0.29 23.01 -9.52
N ARG B 187 -0.79 23.58 -10.61
CA ARG B 187 -1.10 25.01 -10.75
C ARG B 187 -2.26 25.40 -9.82
N GLN B 188 -3.28 24.56 -9.75
CA GLN B 188 -4.37 24.88 -8.86
C GLN B 188 -3.82 24.80 -7.40
N GLY B 189 -2.92 23.86 -7.13
CA GLY B 189 -2.34 23.77 -5.80
C GLY B 189 -1.49 24.96 -5.36
N ARG B 190 -1.00 25.71 -6.34
CA ARG B 190 -0.17 26.92 -6.11
C ARG B 190 -1.11 28.05 -5.72
N THR B 191 -2.29 28.05 -6.35
CA THR B 191 -3.34 29.03 -6.11
C THR B 191 -3.81 29.02 -4.65
N LEU B 192 -4.04 27.82 -4.14
CA LEU B 192 -4.48 27.63 -2.75
C LEU B 192 -3.42 28.21 -1.82
N LEU B 193 -2.17 27.81 -2.02
CA LEU B 193 -1.07 28.29 -1.19
C LEU B 193 -1.02 29.81 -1.12
N LYS B 194 -1.21 30.49 -2.25
CA LYS B 194 -1.19 31.96 -2.30
C LYS B 194 -2.35 32.48 -1.44
N GLU B 195 -3.49 31.83 -1.56
CA GLU B 195 -4.67 32.21 -0.82
C GLU B 195 -4.41 32.10 0.69
N LEU B 196 -3.66 31.08 1.06
CA LEU B 196 -3.32 30.84 2.45
C LEU B 196 -2.27 31.82 2.98
N GLY B 197 -1.74 32.64 2.07
CA GLY B 197 -0.73 33.60 2.45
C GLY B 197 0.63 32.97 2.62
N ALA B 198 0.95 31.97 1.80
CA ALA B 198 2.25 31.29 1.88
C ALA B 198 3.39 32.09 1.23
N PRO B 199 4.60 32.01 1.79
CA PRO B 199 5.73 32.72 1.21
C PRO B 199 5.94 32.15 -0.22
N GLU B 200 6.25 33.02 -1.16
CA GLU B 200 6.46 32.63 -2.56
C GLU B 200 7.49 31.55 -2.81
N ARG B 201 8.56 31.54 -2.02
CA ARG B 201 9.60 30.54 -2.15
C ARG B 201 9.06 29.13 -1.95
N LEU B 202 7.93 29.01 -1.26
CA LEU B 202 7.33 27.71 -1.02
C LEU B 202 6.53 27.21 -2.22
N TYR B 203 5.89 28.09 -2.98
CA TYR B 203 5.16 27.62 -4.18
C TYR B 203 5.81 27.95 -5.52
N LEU B 204 7.09 28.34 -5.49
CA LEU B 204 7.85 28.68 -6.70
C LEU B 204 9.28 28.13 -6.62
N ILE B 226 6.82 15.23 -20.20
CA ILE B 226 6.27 16.48 -20.77
C ILE B 226 6.13 17.48 -19.61
N SER B 227 6.06 18.77 -19.93
CA SER B 227 5.94 19.84 -18.94
C SER B 227 4.79 19.60 -17.95
N TYR B 228 5.00 19.99 -16.69
CA TYR B 228 3.99 19.85 -15.65
C TYR B 228 2.84 20.79 -15.96
N ASP B 229 3.15 21.96 -16.49
CA ASP B 229 2.11 22.93 -16.82
C ASP B 229 1.32 22.42 -18.03
N GLU B 230 1.94 21.51 -18.79
CA GLU B 230 1.30 20.90 -19.95
C GLU B 230 0.32 19.86 -19.39
N ILE B 231 0.79 19.11 -18.41
CA ILE B 231 0.01 18.09 -17.71
C ILE B 231 -1.21 18.75 -17.03
N ASP B 232 -1.05 19.93 -16.46
CA ASP B 232 -2.17 20.65 -15.83
C ASP B 232 -3.22 21.12 -16.86
N ASP B 233 -2.77 21.49 -18.05
CA ASP B 233 -3.63 21.92 -19.16
C ASP B 233 -4.53 20.78 -19.61
N TYR B 234 -3.93 19.61 -19.78
CA TYR B 234 -4.64 18.42 -20.18
C TYR B 234 -5.66 18.06 -19.10
N LEU B 235 -5.21 18.11 -17.84
CA LEU B 235 -6.11 17.76 -16.73
C LEU B 235 -7.27 18.71 -16.61
N GLU B 236 -7.01 19.99 -16.86
CA GLU B 236 -8.08 21.01 -16.80
C GLU B 236 -8.98 21.06 -18.04
N GLY B 237 -8.77 20.11 -18.96
CA GLY B 237 -9.58 20.00 -20.16
C GLY B 237 -9.28 21.03 -21.24
N LYS B 238 -8.06 21.56 -21.22
CA LYS B 238 -7.69 22.53 -22.23
C LYS B 238 -7.24 21.77 -23.47
N GLU B 239 -7.26 22.45 -24.62
CA GLU B 239 -6.86 21.85 -25.88
C GLU B 239 -5.34 21.70 -25.87
N VAL B 240 -4.88 20.47 -26.07
CA VAL B 240 -3.45 20.15 -26.06
C VAL B 240 -3.03 19.48 -27.36
N SER B 241 -1.74 19.21 -27.51
CA SER B 241 -1.21 18.56 -28.70
C SER B 241 -1.32 17.06 -28.58
N ALA B 242 -1.73 16.40 -29.66
CA ALA B 242 -1.86 14.94 -29.68
C ALA B 242 -0.58 14.31 -29.19
N LYS B 243 0.56 14.94 -29.46
CA LYS B 243 1.85 14.44 -29.02
C LYS B 243 1.71 14.17 -27.53
N VAL B 244 1.38 15.25 -26.81
CA VAL B 244 1.19 15.22 -25.38
C VAL B 244 0.01 14.32 -24.92
N SER B 245 -1.13 14.44 -25.55
CA SER B 245 -2.31 13.64 -25.23
C SER B 245 -2.05 12.14 -25.21
N GLU B 246 -1.45 11.66 -26.29
CA GLU B 246 -1.15 10.25 -26.48
C GLU B 246 -0.11 9.74 -25.48
N ALA B 247 0.91 10.54 -25.24
CA ALA B 247 1.96 10.18 -24.28
C ALA B 247 1.32 10.04 -22.90
N LEU B 248 0.46 10.99 -22.54
CA LEU B 248 -0.22 10.96 -21.26
C LEU B 248 -1.16 9.80 -21.12
N GLU B 249 -1.99 9.55 -22.12
CA GLU B 249 -2.93 8.46 -22.01
C GLU B 249 -2.31 7.04 -21.88
N LYS B 250 -1.09 6.89 -22.35
CA LYS B 250 -0.37 5.63 -22.29
C LYS B 250 0.33 5.47 -20.94
N ARG B 251 0.91 6.56 -20.44
CA ARG B 251 1.58 6.50 -19.15
C ARG B 251 0.56 6.14 -18.05
N TYR B 252 -0.65 6.67 -18.22
CA TYR B 252 -1.80 6.45 -17.32
C TYR B 252 -2.19 4.97 -17.27
N SER B 253 -2.51 4.40 -18.42
CA SER B 253 -2.91 3.01 -18.42
C SER B 253 -1.76 2.15 -17.90
N MET B 254 -0.54 2.61 -18.11
CA MET B 254 0.67 1.91 -17.66
C MET B 254 0.86 1.92 -16.16
N THR B 255 0.32 2.94 -15.50
CA THR B 255 0.43 3.06 -14.04
C THR B 255 -0.85 2.76 -13.25
N GLU B 256 -1.89 2.26 -13.88
CA GLU B 256 -3.15 1.97 -13.18
C GLU B 256 -2.96 1.13 -11.90
N HIS B 257 -2.02 0.18 -11.94
CA HIS B 257 -1.75 -0.68 -10.80
C HIS B 257 -1.43 0.09 -9.51
N LYS B 258 -0.86 1.29 -9.62
CA LYS B 258 -0.52 2.12 -8.43
C LYS B 258 -1.76 2.87 -7.91
N ARG B 259 -2.82 2.86 -8.72
CA ARG B 259 -4.06 3.54 -8.41
C ARG B 259 -5.16 2.59 -7.94
N GLN B 260 -4.82 1.32 -7.76
CA GLN B 260 -5.79 0.32 -7.34
C GLN B 260 -5.18 -0.53 -6.24
N VAL B 261 -6.00 -1.40 -5.68
CA VAL B 261 -5.63 -2.35 -4.64
C VAL B 261 -4.97 -3.51 -5.42
N PRO B 262 -4.10 -4.35 -4.77
CA PRO B 262 -3.48 -5.46 -5.52
C PRO B 262 -4.45 -6.23 -6.39
N ALA B 263 -4.01 -6.57 -7.60
CA ALA B 263 -4.82 -7.28 -8.60
C ALA B 263 -5.10 -8.72 -8.30
N SER B 264 -6.31 -9.14 -8.64
CA SER B 264 -6.75 -10.53 -8.52
C SER B 264 -7.44 -10.88 -9.87
N MET B 265 -7.72 -12.16 -10.08
CA MET B 265 -8.39 -12.63 -11.30
C MET B 265 -9.81 -12.08 -11.45
N PHE B 266 -10.32 -11.50 -10.34
CA PHE B 266 -11.67 -10.95 -10.29
C PHE B 266 -11.74 -9.49 -10.69
N ASP B 267 -10.61 -8.90 -11.04
CA ASP B 267 -10.53 -7.50 -11.50
C ASP B 267 -10.37 -7.44 -13.03
N ASP B 268 -10.75 -6.32 -13.63
CA ASP B 268 -10.64 -6.15 -15.08
C ASP B 268 -9.77 -4.99 -15.61
N TRP B 269 -9.50 -4.01 -14.77
CA TRP B 269 -8.72 -2.86 -15.22
C TRP B 269 -7.36 -3.14 -15.85
N TRP B 270 -6.76 -4.28 -15.50
CA TRP B 270 -5.44 -4.63 -16.02
C TRP B 270 -5.41 -5.32 -17.38
N LYS B 271 -6.60 -5.68 -17.87
CA LYS B 271 -6.71 -6.36 -19.14
C LYS B 271 -6.63 -5.52 -20.43
PN DND C . -3.05 -3.53 12.93
O11 DND C . -2.91 -3.21 14.37
O12 DND C . -4.41 -3.68 12.34
O3P DND C . -2.07 -2.53 12.10
O5D DND C . -2.11 -4.76 12.53
C5D DND C . -1.20 -5.41 13.36
C4D DND C . -1.79 -6.70 12.91
O4D DND C . -2.26 -6.98 11.58
C3D DND C . -1.86 -7.94 13.78
O3D DND C . -0.78 -8.58 14.44
C2D DND C . -2.93 -8.69 13.07
O2D DND C . -4.25 -8.39 13.50
C1D DND C . -2.30 -8.39 11.76
N1N DND C . -1.13 -9.20 11.34
C6N DND C . 0.02 -8.64 10.73
C5N DND C . 1.06 -9.46 10.34
C4N DND C . 0.96 -10.83 10.68
C3N DND C . -0.13 -11.38 11.40
C2N DND C . -1.20 -10.56 11.66
C7N DND C . 0.10 -12.60 12.35
O7N DND C . 0.95 -13.44 11.96
O8N DND C . -0.53 -12.65 13.42
PA DND C . -2.02 -1.80 10.65
O13 DND C . -0.85 -0.87 10.68
O14 DND C . -2.07 -2.86 9.66
O5B DND C . -3.36 -0.85 10.48
C5B DND C . -3.80 0.01 11.55
C4B DND C . -3.63 1.42 11.05
O4B DND C . -4.29 1.72 9.80
C3B DND C . -3.31 2.68 11.85
O3B DND C . -2.12 3.04 12.60
C2B DND C . -3.78 3.77 10.94
O2B DND C . -2.59 4.49 10.53
C1B DND C . -4.75 3.05 10.05
N9A DND C . -6.19 3.23 10.09
C4A DND C . -6.96 3.95 9.29
N3A DND C . -6.91 4.55 8.08
C2A DND C . -8.02 5.03 7.53
N1A DND C . -9.24 4.93 8.10
C6A DND C . -9.39 4.31 9.30
C5A DND C . -8.23 3.82 9.87
N7A DND C . -8.24 3.01 10.92
C8A DND C . -6.95 2.70 11.05
N6A DND C . -10.59 4.00 9.81
PN DND D . 9.26 3.38 -9.78
O11 DND D . 10.62 2.90 -10.09
O12 DND D . 8.28 3.38 -10.88
O3P DND D . 8.95 2.47 -8.50
O5D DND D . 9.11 4.82 -9.19
C5D DND D . 9.57 5.13 -7.90
C4D DND D . 9.65 6.57 -8.23
O4D DND D . 8.45 7.35 -8.43
C3D DND D . 10.91 7.36 -8.48
O3D DND D . 12.05 7.64 -7.66
C2D DND D . 10.30 8.47 -9.28
O2D DND D . 10.53 8.72 -10.65
C1D DND D . 9.03 8.66 -8.50
N1N DND D . 8.86 9.37 -7.20
C6N DND D . 9.06 8.69 -5.96
C5N DND D . 8.67 9.26 -4.76
C4N DND D . 8.08 10.53 -4.79
C3N DND D . 7.88 11.23 -5.99
C2N DND D . 8.28 10.66 -7.19
C7N DND D . 7.22 12.60 -5.96
O7N DND D . 6.74 12.98 -4.89
O8N DND D . 7.23 13.25 -7.00
PA DND D . 7.72 1.83 -7.73
O13 DND D . 8.39 0.87 -6.82
O14 DND D . 6.82 2.84 -7.18
O5B DND D . 6.82 1.17 -8.88
C5B DND D . 7.45 0.14 -9.70
C4B DND D . 6.93 -1.21 -9.33
O4B DND D . 5.49 -1.47 -9.36
C3B DND D . 7.73 -2.53 -9.30
O3B DND D . 9.13 -2.84 -9.12
C2B DND D . 6.68 -3.57 -9.12
O2B DND D . 7.00 -4.58 -8.14
C1B DND D . 5.40 -2.89 -9.61
N9A DND D . 4.75 -3.08 -10.92
C4A DND D . 3.60 -3.69 -11.14
N3A DND D . 2.69 -4.36 -10.40
C2A DND D . 1.57 -4.77 -10.97
N1A DND D . 1.33 -4.53 -12.28
C6A DND D . 2.18 -3.91 -13.10
C5A DND D . 3.34 -3.50 -12.49
N7A DND D . 4.28 -2.80 -13.12
C8A DND D . 5.17 -2.60 -12.12
N6A DND D . 1.83 -3.48 -14.30
#